data_1UKB
#
_entry.id   1UKB
#
_cell.length_a   76.596
_cell.length_b   116.181
_cell.length_c   78.848
_cell.angle_alpha   90.00
_cell.angle_beta   90.00
_cell.angle_gamma   90.00
#
_symmetry.space_group_name_H-M   'C 2 2 21'
#
loop_
_entity.id
_entity.type
_entity.pdbx_description
1 polymer '2-hydroxy-6-oxo-7-methylocta-2,4-dienoate hydrolase'
2 non-polymer 'BENZOIC ACID'
3 water water
#
_entity_poly.entity_id   1
_entity_poly.type   'polypeptide(L)'
_entity_poly.pdbx_seq_one_letter_code
;MANLEIGKSILAAGVLTNYHDVGEGQPVILIHGSGPGVSAYANWRLTIPALSKFYRVIAPDMVGFGFTDRPENYNYSKDS
WVDHIIGIMDALEIEKAHIVGNAFGGGLAIATALRYSERVDRMVLMGAAGTRFDVTEGLNAVWGYTPSIENMRNLLDIFA
YDRSLVTDELARLRYEASIQPGFQESFSSMFPEPRQRWIDALASSDEDIKTLPNETLIIHGREDQVVPLSSSLRLGELID
RAQLHVFGRCGHWTQIEQTDRFNRLVVEFFNEANTPKLVGRP
;
_entity_poly.pdbx_strand_id   A
#
loop_
_chem_comp.id
_chem_comp.type
_chem_comp.name
_chem_comp.formula
BEZ non-polymer 'BENZOIC ACID' 'C7 H6 O2'
#
# COMPACT_ATOMS: atom_id res chain seq x y z
N ASN A 3 -17.02 -4.96 -12.94
CA ASN A 3 -16.12 -4.92 -11.75
C ASN A 3 -15.28 -3.64 -11.81
N LEU A 4 -15.59 -2.69 -10.93
CA LEU A 4 -14.88 -1.42 -10.91
C LEU A 4 -13.41 -1.57 -10.51
N GLU A 5 -13.04 -2.73 -9.99
CA GLU A 5 -11.66 -2.96 -9.59
C GLU A 5 -10.78 -3.17 -10.82
N ILE A 6 -11.41 -3.47 -11.95
CA ILE A 6 -10.68 -3.66 -13.19
C ILE A 6 -10.67 -2.30 -13.89
N GLY A 7 -9.48 -1.83 -14.25
CA GLY A 7 -9.38 -0.53 -14.90
C GLY A 7 -8.78 -0.61 -16.29
N LYS A 8 -7.65 0.08 -16.47
CA LYS A 8 -6.95 0.10 -17.74
C LYS A 8 -5.84 -0.93 -17.71
N SER A 9 -5.30 -1.28 -18.88
CA SER A 9 -4.25 -2.28 -18.97
C SER A 9 -3.02 -1.74 -19.68
N ILE A 10 -1.83 -2.07 -19.16
CA ILE A 10 -0.60 -1.62 -19.78
C ILE A 10 0.55 -2.57 -19.48
N LEU A 11 1.47 -2.73 -20.43
CA LEU A 11 2.62 -3.59 -20.23
C LEU A 11 3.65 -2.80 -19.43
N ALA A 12 4.06 -3.33 -18.28
CA ALA A 12 5.03 -2.66 -17.43
C ALA A 12 6.02 -3.67 -16.86
N ALA A 13 7.31 -3.43 -17.09
CA ALA A 13 8.35 -4.34 -16.63
C ALA A 13 8.05 -5.75 -17.15
N GLY A 14 7.44 -5.83 -18.33
CA GLY A 14 7.11 -7.10 -18.92
C GLY A 14 5.89 -7.80 -18.36
N VAL A 15 5.15 -7.11 -17.51
CA VAL A 15 3.95 -7.70 -16.90
C VAL A 15 2.70 -6.92 -17.30
N LEU A 16 1.67 -7.62 -17.78
CA LEU A 16 0.43 -6.95 -18.16
C LEU A 16 -0.16 -6.47 -16.83
N THR A 17 -0.24 -5.15 -16.68
CA THR A 17 -0.69 -4.54 -15.46
C THR A 17 -2.04 -3.82 -15.47
N ASN A 18 -2.85 -4.08 -14.44
CA ASN A 18 -4.15 -3.42 -14.32
C ASN A 18 -3.92 -2.16 -13.50
N TYR A 19 -4.48 -1.04 -13.93
CA TYR A 19 -4.29 0.20 -13.19
C TYR A 19 -5.37 1.23 -13.45
N HIS A 20 -5.40 2.24 -12.58
CA HIS A 20 -6.35 3.33 -12.71
C HIS A 20 -5.54 4.58 -12.93
N ASP A 21 -6.07 5.49 -13.73
CA ASP A 21 -5.37 6.73 -14.07
C ASP A 21 -6.45 7.80 -14.18
N VAL A 22 -6.49 8.71 -13.20
CA VAL A 22 -7.49 9.77 -13.18
C VAL A 22 -6.88 11.11 -12.79
N GLY A 23 -7.31 12.16 -13.50
CA GLY A 23 -6.81 13.50 -13.20
C GLY A 23 -5.70 13.98 -14.12
N GLU A 24 -5.29 15.23 -13.92
CA GLU A 24 -4.24 15.84 -14.72
C GLU A 24 -3.28 16.62 -13.84
N GLY A 25 -2.07 16.87 -14.34
CA GLY A 25 -1.10 17.62 -13.57
C GLY A 25 0.03 16.80 -12.98
N GLN A 26 0.49 17.19 -11.80
CA GLN A 26 1.58 16.49 -11.11
C GLN A 26 1.17 15.05 -10.85
N PRO A 27 2.03 14.10 -11.25
CA PRO A 27 1.69 12.68 -11.02
C PRO A 27 1.90 12.22 -9.59
N VAL A 28 0.95 11.39 -9.12
CA VAL A 28 0.98 10.82 -7.79
C VAL A 28 0.69 9.33 -7.95
N ILE A 29 1.59 8.49 -7.44
CA ILE A 29 1.41 7.06 -7.54
C ILE A 29 0.92 6.50 -6.20
N LEU A 30 -0.20 5.78 -6.23
CA LEU A 30 -0.75 5.19 -5.02
C LEU A 30 -0.44 3.70 -5.05
N ILE A 31 0.20 3.20 -3.99
CA ILE A 31 0.57 1.80 -3.89
C ILE A 31 -0.16 1.11 -2.73
N HIS A 32 -1.01 0.15 -3.08
CA HIS A 32 -1.84 -0.57 -2.10
C HIS A 32 -1.13 -1.48 -1.10
N GLY A 33 -1.92 -2.00 -0.17
CA GLY A 33 -1.44 -2.91 0.87
C GLY A 33 -1.31 -4.34 0.38
N SER A 34 -1.23 -5.31 1.29
CA SER A 34 -1.05 -6.70 0.87
C SER A 34 -2.02 -7.73 1.45
N GLY A 35 -3.26 -7.35 1.69
CA GLY A 35 -4.22 -8.31 2.23
C GLY A 35 -4.86 -9.18 1.16
N PRO A 36 -5.60 -10.22 1.56
CA PRO A 36 -6.25 -11.10 0.58
C PRO A 36 -7.33 -10.36 -0.21
N GLY A 37 -7.29 -10.49 -1.53
CA GLY A 37 -8.28 -9.83 -2.37
C GLY A 37 -8.02 -8.34 -2.57
N VAL A 38 -6.89 -7.86 -2.06
CA VAL A 38 -6.56 -6.44 -2.19
C VAL A 38 -6.34 -6.04 -3.65
N SER A 39 -6.66 -4.79 -3.95
CA SER A 39 -6.49 -4.24 -5.29
C SER A 39 -6.33 -2.74 -5.14
N ALA A 40 -5.83 -2.08 -6.17
CA ALA A 40 -5.65 -0.64 -6.11
C ALA A 40 -6.98 0.05 -5.86
N TYR A 41 -8.03 -0.39 -6.55
CA TYR A 41 -9.34 0.22 -6.38
C TYR A 41 -9.89 0.01 -4.97
N ALA A 42 -9.84 -1.21 -4.47
CA ALA A 42 -10.34 -1.51 -3.13
C ALA A 42 -9.66 -0.62 -2.09
N ASN A 43 -8.36 -0.41 -2.26
CA ASN A 43 -7.58 0.41 -1.34
C ASN A 43 -7.82 1.91 -1.49
N TRP A 44 -7.88 2.36 -2.74
CA TRP A 44 -7.98 3.79 -3.03
C TRP A 44 -9.26 4.39 -3.60
N ARG A 45 -10.36 3.66 -3.57
CA ARG A 45 -11.62 4.17 -4.12
C ARG A 45 -12.10 5.51 -3.54
N LEU A 46 -11.77 5.77 -2.28
CA LEU A 46 -12.19 7.02 -1.64
C LEU A 46 -11.11 8.08 -1.66
N THR A 47 -9.93 7.71 -2.15
CA THR A 47 -8.79 8.62 -2.21
C THR A 47 -8.61 9.25 -3.58
N ILE A 48 -8.78 8.42 -4.62
CA ILE A 48 -8.61 8.90 -6.00
C ILE A 48 -9.50 10.09 -6.37
N PRO A 49 -10.80 10.03 -6.06
CA PRO A 49 -11.70 11.15 -6.38
C PRO A 49 -11.23 12.48 -5.81
N ALA A 50 -10.79 12.48 -4.56
CA ALA A 50 -10.33 13.69 -3.91
C ALA A 50 -9.02 14.22 -4.50
N LEU A 51 -8.02 13.37 -4.58
CA LEU A 51 -6.72 13.78 -5.12
C LEU A 51 -6.73 14.11 -6.61
N SER A 52 -7.53 13.40 -7.39
CA SER A 52 -7.58 13.62 -8.83
C SER A 52 -8.10 15.00 -9.23
N LYS A 53 -8.62 15.74 -8.26
CA LYS A 53 -9.12 17.08 -8.55
C LYS A 53 -7.95 18.05 -8.69
N PHE A 54 -6.79 17.65 -8.18
CA PHE A 54 -5.61 18.51 -8.22
C PHE A 54 -4.36 17.85 -8.78
N TYR A 55 -4.40 16.53 -8.92
CA TYR A 55 -3.24 15.78 -9.42
C TYR A 55 -3.64 14.68 -10.38
N ARG A 56 -2.65 14.11 -11.06
CA ARG A 56 -2.91 12.99 -11.95
C ARG A 56 -2.61 11.79 -11.04
N VAL A 57 -3.63 11.02 -10.74
CA VAL A 57 -3.48 9.88 -9.83
C VAL A 57 -3.41 8.53 -10.54
N ILE A 58 -2.31 7.82 -10.31
CA ILE A 58 -2.09 6.51 -10.91
C ILE A 58 -2.07 5.47 -9.80
N ALA A 59 -2.95 4.47 -9.90
CA ALA A 59 -3.05 3.42 -8.89
C ALA A 59 -3.06 2.05 -9.57
N PRO A 60 -1.90 1.38 -9.58
CA PRO A 60 -1.76 0.06 -10.21
C PRO A 60 -1.91 -1.11 -9.25
N ASP A 61 -2.25 -2.27 -9.79
CA ASP A 61 -2.33 -3.48 -8.99
C ASP A 61 -0.92 -4.05 -9.10
N MET A 62 -0.21 -4.16 -7.99
CA MET A 62 1.15 -4.68 -8.01
C MET A 62 1.16 -6.13 -8.50
N VAL A 63 2.22 -6.53 -9.21
CA VAL A 63 2.30 -7.89 -9.71
C VAL A 63 2.12 -8.87 -8.55
N GLY A 64 1.22 -9.83 -8.74
CA GLY A 64 0.94 -10.82 -7.71
C GLY A 64 -0.35 -10.49 -6.97
N PHE A 65 -0.87 -9.28 -7.21
CA PHE A 65 -2.10 -8.83 -6.56
C PHE A 65 -3.13 -8.30 -7.55
N GLY A 66 -4.37 -8.21 -7.10
CA GLY A 66 -5.43 -7.68 -7.94
C GLY A 66 -5.58 -8.35 -9.28
N PHE A 67 -5.81 -7.55 -10.31
CA PHE A 67 -6.03 -8.08 -11.65
C PHE A 67 -4.85 -7.98 -12.60
N THR A 68 -3.67 -7.70 -12.06
CA THR A 68 -2.47 -7.65 -12.86
C THR A 68 -2.10 -9.10 -13.10
N ASP A 69 -1.37 -9.37 -14.17
CA ASP A 69 -0.99 -10.74 -14.47
C ASP A 69 -0.10 -11.33 -13.37
N ARG A 70 -0.22 -12.63 -13.17
CA ARG A 70 0.58 -13.36 -12.19
C ARG A 70 1.42 -14.33 -13.03
N PRO A 71 2.56 -13.86 -13.57
CA PRO A 71 3.48 -14.64 -14.40
C PRO A 71 3.86 -15.98 -13.79
N GLU A 72 3.86 -17.02 -14.62
CA GLU A 72 4.22 -18.35 -14.16
C GLU A 72 5.66 -18.34 -13.65
N ASN A 73 5.87 -18.86 -12.43
CA ASN A 73 7.19 -18.92 -11.83
C ASN A 73 7.83 -17.56 -11.59
N TYR A 74 7.00 -16.52 -11.48
CA TYR A 74 7.50 -15.18 -11.23
C TYR A 74 8.22 -15.14 -9.89
N ASN A 75 9.33 -14.41 -9.84
CA ASN A 75 10.10 -14.31 -8.60
C ASN A 75 9.75 -13.02 -7.86
N TYR A 76 8.85 -13.14 -6.89
CA TYR A 76 8.40 -12.00 -6.10
C TYR A 76 9.45 -11.59 -5.08
N SER A 77 9.72 -10.29 -5.01
CA SER A 77 10.70 -9.78 -4.06
C SER A 77 10.57 -8.26 -3.98
N LYS A 78 11.13 -7.69 -2.92
CA LYS A 78 11.08 -6.24 -2.75
C LYS A 78 11.64 -5.59 -4.00
N ASP A 79 12.78 -6.09 -4.48
CA ASP A 79 13.40 -5.53 -5.67
C ASP A 79 12.58 -5.69 -6.94
N SER A 80 11.90 -6.84 -7.08
CA SER A 80 11.07 -7.07 -8.26
C SER A 80 9.87 -6.14 -8.25
N TRP A 81 9.30 -5.90 -7.06
CA TRP A 81 8.15 -5.01 -6.97
C TRP A 81 8.57 -3.58 -7.26
N VAL A 82 9.77 -3.21 -6.83
CA VAL A 82 10.29 -1.87 -7.11
C VAL A 82 10.43 -1.75 -8.63
N ASP A 83 10.93 -2.81 -9.26
CA ASP A 83 11.10 -2.82 -10.71
C ASP A 83 9.76 -2.65 -11.41
N HIS A 84 8.71 -3.23 -10.83
CA HIS A 84 7.38 -3.12 -11.42
C HIS A 84 6.91 -1.66 -11.34
N ILE A 85 7.12 -1.04 -10.18
CA ILE A 85 6.71 0.35 -10.01
C ILE A 85 7.43 1.23 -11.03
N ILE A 86 8.74 1.05 -11.16
CA ILE A 86 9.51 1.83 -12.12
C ILE A 86 9.06 1.51 -13.54
N GLY A 87 8.73 0.25 -13.79
CA GLY A 87 8.28 -0.15 -15.12
C GLY A 87 6.97 0.55 -15.46
N ILE A 88 6.11 0.68 -14.47
CA ILE A 88 4.82 1.36 -14.65
C ILE A 88 5.08 2.83 -14.94
N MET A 89 5.98 3.44 -14.19
CA MET A 89 6.29 4.85 -14.39
C MET A 89 6.89 5.05 -15.78
N ASP A 90 7.82 4.17 -16.17
CA ASP A 90 8.44 4.27 -17.49
C ASP A 90 7.39 4.13 -18.60
N ALA A 91 6.52 3.14 -18.45
CA ALA A 91 5.48 2.89 -19.44
C ALA A 91 4.56 4.09 -19.63
N LEU A 92 4.34 4.84 -18.55
CA LEU A 92 3.46 6.01 -18.61
C LEU A 92 4.20 7.34 -18.79
N GLU A 93 5.51 7.26 -19.05
CA GLU A 93 6.33 8.45 -19.23
C GLU A 93 6.28 9.36 -18.01
N ILE A 94 6.19 8.75 -16.82
CA ILE A 94 6.17 9.50 -15.57
C ILE A 94 7.63 9.57 -15.12
N GLU A 95 8.25 10.72 -15.32
CA GLU A 95 9.66 10.90 -14.99
C GLU A 95 9.93 11.07 -13.49
N LYS A 96 9.03 11.75 -12.79
CA LYS A 96 9.19 11.95 -11.37
C LYS A 96 7.77 12.08 -10.80
N ALA A 97 7.54 11.47 -9.65
CA ALA A 97 6.22 11.53 -9.05
C ALA A 97 6.24 11.41 -7.53
N HIS A 98 5.14 11.84 -6.91
CA HIS A 98 5.00 11.71 -5.48
C HIS A 98 4.49 10.28 -5.34
N ILE A 99 4.71 9.67 -4.19
CA ILE A 99 4.24 8.30 -3.97
C ILE A 99 3.56 8.16 -2.62
N VAL A 100 2.39 7.53 -2.62
CA VAL A 100 1.64 7.26 -1.39
C VAL A 100 1.69 5.75 -1.26
N GLY A 101 2.39 5.27 -0.23
CA GLY A 101 2.51 3.83 -0.03
C GLY A 101 1.79 3.36 1.22
N ASN A 102 0.82 2.48 1.04
CA ASN A 102 0.07 1.95 2.16
C ASN A 102 0.61 0.61 2.62
N ALA A 103 1.12 0.57 3.85
CA ALA A 103 1.66 -0.65 4.43
C ALA A 103 2.68 -1.30 3.50
N PHE A 104 2.33 -2.45 2.95
CA PHE A 104 3.19 -3.15 1.99
C PHE A 104 3.74 -2.11 1.01
N GLY A 105 2.83 -1.32 0.46
CA GLY A 105 3.20 -0.28 -0.49
C GLY A 105 4.14 0.77 0.07
N GLY A 106 4.06 1.00 1.38
CA GLY A 106 4.94 1.98 2.00
C GLY A 106 6.38 1.49 1.99
N GLY A 107 6.54 0.18 2.17
CA GLY A 107 7.88 -0.39 2.16
C GLY A 107 8.44 -0.29 0.76
N LEU A 108 7.58 -0.53 -0.23
CA LEU A 108 8.00 -0.45 -1.63
C LEU A 108 8.35 0.99 -2.00
N ALA A 109 7.59 1.95 -1.46
CA ALA A 109 7.84 3.35 -1.73
C ALA A 109 9.24 3.73 -1.23
N ILE A 110 9.56 3.32 -0.01
CA ILE A 110 10.87 3.60 0.57
C ILE A 110 11.98 2.99 -0.29
N ALA A 111 11.80 1.72 -0.66
CA ALA A 111 12.79 1.02 -1.46
C ALA A 111 12.97 1.65 -2.83
N THR A 112 11.90 2.19 -3.39
CA THR A 112 11.96 2.83 -4.70
C THR A 112 12.72 4.14 -4.58
N ALA A 113 12.45 4.90 -3.53
CA ALA A 113 13.12 6.17 -3.29
C ALA A 113 14.63 5.98 -3.09
N LEU A 114 15.00 4.83 -2.52
CA LEU A 114 16.40 4.53 -2.26
C LEU A 114 17.16 4.11 -3.52
N ARG A 115 16.52 3.30 -4.37
CA ARG A 115 17.14 2.83 -5.60
C ARG A 115 16.99 3.79 -6.78
N TYR A 116 15.89 4.55 -6.79
CA TYR A 116 15.61 5.48 -7.87
C TYR A 116 15.24 6.85 -7.30
N SER A 117 16.15 7.41 -6.52
CA SER A 117 15.94 8.69 -5.87
C SER A 117 15.46 9.78 -6.84
N GLU A 118 16.02 9.80 -8.04
CA GLU A 118 15.65 10.82 -9.01
C GLU A 118 14.22 10.70 -9.54
N ARG A 119 13.58 9.56 -9.29
CA ARG A 119 12.22 9.34 -9.78
C ARG A 119 11.14 9.63 -8.74
N VAL A 120 11.55 9.83 -7.49
CA VAL A 120 10.60 10.08 -6.41
C VAL A 120 10.70 11.49 -5.83
N ASP A 121 9.55 12.16 -5.72
CA ASP A 121 9.50 13.51 -5.16
C ASP A 121 9.12 13.40 -3.69
N ARG A 122 7.85 13.63 -3.36
CA ARG A 122 7.40 13.53 -1.97
C ARG A 122 6.77 12.17 -1.70
N MET A 123 6.85 11.72 -0.45
CA MET A 123 6.27 10.43 -0.07
C MET A 123 5.32 10.53 1.12
N VAL A 124 4.30 9.69 1.08
CA VAL A 124 3.33 9.58 2.16
C VAL A 124 3.40 8.09 2.50
N LEU A 125 3.74 7.79 3.75
CA LEU A 125 3.86 6.40 4.18
C LEU A 125 2.82 6.14 5.28
N MET A 126 1.84 5.29 4.97
CA MET A 126 0.76 4.98 5.91
C MET A 126 0.89 3.58 6.50
N GLY A 127 0.92 3.47 7.83
CA GLY A 127 1.05 2.17 8.49
C GLY A 127 1.99 1.32 7.67
N ALA A 128 3.06 1.97 7.22
CA ALA A 128 4.03 1.37 6.33
C ALA A 128 5.04 0.33 6.76
N ALA A 129 5.36 -0.54 5.81
CA ALA A 129 6.38 -1.55 6.00
C ALA A 129 7.61 -0.66 5.81
N GLY A 130 8.79 -1.18 6.12
CA GLY A 130 9.98 -0.36 5.95
C GLY A 130 10.96 -0.53 7.10
N THR A 131 10.45 -0.91 8.27
CA THR A 131 11.31 -1.14 9.44
C THR A 131 11.05 -2.55 9.93
N ARG A 132 12.02 -3.10 10.66
CA ARG A 132 11.87 -4.43 11.21
C ARG A 132 11.17 -4.28 12.55
N PHE A 133 9.99 -4.87 12.64
CA PHE A 133 9.20 -4.83 13.85
C PHE A 133 8.75 -6.27 14.07
N ASP A 134 8.54 -6.67 15.32
CA ASP A 134 8.13 -8.05 15.58
C ASP A 134 6.77 -8.33 14.98
N VAL A 135 6.68 -9.44 14.26
CA VAL A 135 5.43 -9.81 13.61
C VAL A 135 4.28 -9.74 14.63
N THR A 136 3.17 -9.16 14.20
CA THR A 136 1.99 -9.00 15.04
C THR A 136 1.01 -10.12 14.73
N GLU A 137 0.10 -10.39 15.65
CA GLU A 137 -0.90 -11.43 15.40
C GLU A 137 -1.77 -10.94 14.25
N GLY A 138 -1.94 -9.62 14.17
CA GLY A 138 -2.74 -9.05 13.11
C GLY A 138 -2.19 -9.34 11.74
N LEU A 139 -0.89 -9.09 11.55
CA LEU A 139 -0.29 -9.35 10.25
C LEU A 139 -0.22 -10.84 9.96
N ASN A 140 0.07 -11.65 10.98
CA ASN A 140 0.15 -13.10 10.77
C ASN A 140 -1.22 -13.64 10.37
N ALA A 141 -2.27 -13.05 10.91
CA ALA A 141 -3.63 -13.47 10.57
C ALA A 141 -3.96 -13.04 9.14
N VAL A 142 -3.58 -11.82 8.79
CA VAL A 142 -3.84 -11.30 7.45
C VAL A 142 -3.14 -12.15 6.39
N TRP A 143 -1.84 -12.37 6.56
CA TRP A 143 -1.08 -13.16 5.61
C TRP A 143 -1.43 -14.65 5.67
N GLY A 144 -1.96 -15.11 6.81
CA GLY A 144 -2.31 -16.51 6.95
C GLY A 144 -3.77 -16.81 6.64
N TYR A 145 -4.44 -15.85 6.01
CA TYR A 145 -5.84 -16.00 5.64
C TYR A 145 -6.16 -17.22 4.80
N THR A 146 -7.28 -17.86 5.13
CA THR A 146 -7.83 -19.02 4.42
C THR A 146 -9.24 -18.49 4.13
N PRO A 147 -9.75 -18.68 2.91
CA PRO A 147 -11.10 -18.18 2.56
C PRO A 147 -12.31 -18.67 3.34
N SER A 148 -13.14 -17.70 3.75
CA SER A 148 -14.41 -17.91 4.45
C SER A 148 -14.93 -16.54 4.87
N ILE A 149 -16.25 -16.38 4.92
CA ILE A 149 -16.80 -15.10 5.31
C ILE A 149 -16.43 -14.76 6.75
N GLU A 150 -16.32 -15.78 7.59
CA GLU A 150 -15.95 -15.53 8.97
C GLU A 150 -14.49 -15.11 9.10
N ASN A 151 -13.62 -15.75 8.33
CA ASN A 151 -12.20 -15.38 8.37
C ASN A 151 -11.99 -13.98 7.82
N MET A 152 -12.77 -13.61 6.81
CA MET A 152 -12.65 -12.27 6.23
C MET A 152 -13.20 -11.25 7.23
N ARG A 153 -14.29 -11.58 7.90
CA ARG A 153 -14.87 -10.67 8.88
C ARG A 153 -13.83 -10.38 9.97
N ASN A 154 -13.12 -11.42 10.40
CA ASN A 154 -12.10 -11.25 11.43
C ASN A 154 -10.99 -10.33 10.93
N LEU A 155 -10.60 -10.47 9.66
CA LEU A 155 -9.55 -9.60 9.12
C LEU A 155 -10.03 -8.17 9.04
N LEU A 156 -11.28 -7.98 8.62
CA LEU A 156 -11.81 -6.63 8.52
C LEU A 156 -11.85 -6.02 9.92
N ASP A 157 -12.16 -6.83 10.93
CA ASP A 157 -12.18 -6.36 12.32
C ASP A 157 -10.78 -5.95 12.75
N ILE A 158 -9.78 -6.71 12.30
CA ILE A 158 -8.39 -6.41 12.63
C ILE A 158 -7.93 -5.10 11.99
N PHE A 159 -8.44 -4.83 10.79
CA PHE A 159 -8.08 -3.63 10.04
C PHE A 159 -8.68 -2.32 10.55
N ALA A 160 -9.89 -2.37 11.08
CA ALA A 160 -10.53 -1.13 11.51
C ALA A 160 -10.75 -0.93 12.99
N TYR A 161 -10.84 0.34 13.37
CA TYR A 161 -11.10 0.71 14.75
C TYR A 161 -12.58 0.55 15.05
N ASP A 162 -13.42 1.10 14.17
CA ASP A 162 -14.86 1.05 14.35
C ASP A 162 -15.45 -0.19 13.66
N ARG A 163 -15.65 -1.25 14.43
CA ARG A 163 -16.18 -2.50 13.90
C ARG A 163 -17.60 -2.41 13.34
N SER A 164 -18.31 -1.34 13.68
CA SER A 164 -19.67 -1.17 13.19
C SER A 164 -19.63 -1.03 11.67
N LEU A 165 -18.45 -0.72 11.14
CA LEU A 165 -18.27 -0.56 9.70
C LEU A 165 -18.14 -1.92 9.02
N VAL A 166 -17.87 -2.95 9.81
CA VAL A 166 -17.71 -4.30 9.26
C VAL A 166 -19.09 -4.97 9.20
N THR A 167 -19.72 -4.88 8.04
CA THR A 167 -21.05 -5.47 7.82
C THR A 167 -20.96 -6.83 7.16
N ASP A 168 -22.06 -7.57 7.18
CA ASP A 168 -22.10 -8.89 6.55
C ASP A 168 -21.87 -8.74 5.06
N GLU A 169 -22.38 -7.66 4.49
CA GLU A 169 -22.23 -7.40 3.05
C GLU A 169 -20.76 -7.16 2.69
N LEU A 170 -20.09 -6.33 3.48
CA LEU A 170 -18.68 -6.05 3.21
C LEU A 170 -17.85 -7.32 3.32
N ALA A 171 -18.10 -8.11 4.36
CA ALA A 171 -17.36 -9.35 4.54
C ALA A 171 -17.61 -10.28 3.36
N ARG A 172 -18.86 -10.32 2.91
CA ARG A 172 -19.23 -11.16 1.78
C ARG A 172 -18.52 -10.71 0.51
N LEU A 173 -18.57 -9.41 0.23
CA LEU A 173 -17.95 -8.86 -0.96
C LEU A 173 -16.43 -9.05 -0.99
N ARG A 174 -15.77 -8.86 0.16
CA ARG A 174 -14.33 -9.03 0.19
C ARG A 174 -13.95 -10.51 0.17
N TYR A 175 -14.83 -11.36 0.70
CA TYR A 175 -14.59 -12.80 0.67
C TYR A 175 -14.61 -13.22 -0.80
N GLU A 176 -15.61 -12.74 -1.53
CA GLU A 176 -15.74 -13.07 -2.94
C GLU A 176 -14.52 -12.58 -3.73
N ALA A 177 -14.02 -11.40 -3.39
CA ALA A 177 -12.85 -10.87 -4.08
C ALA A 177 -11.64 -11.77 -3.82
N SER A 178 -11.56 -12.33 -2.60
CA SER A 178 -10.43 -13.18 -2.24
C SER A 178 -10.41 -14.54 -2.91
N ILE A 179 -11.55 -15.01 -3.41
CA ILE A 179 -11.58 -16.32 -4.06
C ILE A 179 -11.63 -16.27 -5.58
N GLN A 180 -11.37 -15.11 -6.16
CA GLN A 180 -11.38 -15.00 -7.61
C GLN A 180 -10.30 -15.94 -8.14
N PRO A 181 -10.43 -16.41 -9.38
CA PRO A 181 -9.45 -17.32 -9.99
C PRO A 181 -7.98 -16.95 -9.75
N GLY A 182 -7.25 -17.87 -9.12
CA GLY A 182 -5.83 -17.68 -8.86
C GLY A 182 -5.43 -16.75 -7.73
N PHE A 183 -6.38 -16.01 -7.17
CA PHE A 183 -6.08 -15.06 -6.10
C PHE A 183 -5.51 -15.70 -4.82
N GLN A 184 -6.26 -16.61 -4.23
CA GLN A 184 -5.83 -17.25 -2.98
C GLN A 184 -4.57 -18.10 -3.18
N GLU A 185 -4.47 -18.73 -4.34
CA GLU A 185 -3.31 -19.56 -4.65
C GLU A 185 -2.02 -18.74 -4.60
N SER A 186 -2.03 -17.58 -5.25
CA SER A 186 -0.83 -16.75 -5.26
C SER A 186 -0.63 -16.06 -3.92
N PHE A 187 -1.73 -15.72 -3.25
CA PHE A 187 -1.63 -15.05 -1.96
C PHE A 187 -1.03 -15.94 -0.88
N SER A 188 -1.56 -17.16 -0.75
CA SER A 188 -1.07 -18.09 0.27
C SER A 188 0.39 -18.46 0.07
N SER A 189 0.88 -18.37 -1.15
CA SER A 189 2.27 -18.71 -1.42
C SER A 189 3.18 -17.48 -1.41
N MET A 190 2.57 -16.30 -1.22
CA MET A 190 3.33 -15.06 -1.22
C MET A 190 4.12 -14.78 0.06
N PHE A 191 3.49 -14.95 1.22
CA PHE A 191 4.13 -14.66 2.51
C PHE A 191 4.05 -15.85 3.47
N PRO A 192 4.60 -17.01 3.08
CA PRO A 192 4.54 -18.20 3.96
C PRO A 192 5.35 -18.11 5.26
N GLU A 193 4.95 -18.91 6.25
CA GLU A 193 5.61 -18.94 7.54
C GLU A 193 7.04 -19.45 7.39
N PRO A 194 7.98 -18.90 8.19
CA PRO A 194 7.79 -17.85 9.19
C PRO A 194 7.67 -16.48 8.53
N ARG A 195 6.62 -15.74 8.87
CA ARG A 195 6.37 -14.45 8.25
C ARG A 195 7.25 -13.29 8.67
N GLN A 196 8.04 -13.46 9.72
CA GLN A 196 8.94 -12.40 10.15
C GLN A 196 9.92 -12.13 9.01
N ARG A 197 10.20 -13.17 8.22
CA ARG A 197 11.12 -13.07 7.09
C ARG A 197 10.71 -12.00 6.09
N TRP A 198 9.41 -11.88 5.86
CA TRP A 198 8.89 -10.92 4.89
C TRP A 198 8.84 -9.50 5.41
N ILE A 199 8.67 -9.36 6.73
CA ILE A 199 8.68 -8.03 7.32
C ILE A 199 10.11 -7.53 7.16
N ASP A 200 11.06 -8.40 7.46
CA ASP A 200 12.48 -8.05 7.36
C ASP A 200 12.92 -7.81 5.92
N ALA A 201 12.42 -8.62 4.99
CA ALA A 201 12.79 -8.48 3.58
C ALA A 201 12.25 -7.19 2.97
N LEU A 202 11.08 -6.76 3.43
CA LEU A 202 10.46 -5.54 2.93
C LEU A 202 10.99 -4.28 3.58
N ALA A 203 11.72 -4.44 4.69
CA ALA A 203 12.28 -3.31 5.40
C ALA A 203 13.55 -2.79 4.75
N SER A 204 13.91 -1.55 5.10
CA SER A 204 15.13 -0.93 4.60
C SER A 204 15.95 -0.64 5.86
N SER A 205 17.26 -0.61 5.73
CA SER A 205 18.12 -0.38 6.89
C SER A 205 18.01 1.04 7.44
N ASP A 206 18.25 1.19 8.74
CA ASP A 206 18.20 2.50 9.37
C ASP A 206 19.16 3.41 8.62
N GLU A 207 20.33 2.86 8.30
CA GLU A 207 21.37 3.61 7.59
C GLU A 207 20.86 4.17 6.27
N ASP A 208 20.23 3.32 5.46
CA ASP A 208 19.70 3.75 4.17
C ASP A 208 18.57 4.75 4.30
N ILE A 209 17.62 4.48 5.20
CA ILE A 209 16.48 5.37 5.39
C ILE A 209 16.93 6.78 5.78
N LYS A 210 17.99 6.87 6.57
CA LYS A 210 18.51 8.17 6.99
C LYS A 210 19.00 9.02 5.82
N THR A 211 19.32 8.37 4.69
CA THR A 211 19.82 9.11 3.53
C THR A 211 18.72 9.73 2.67
N LEU A 212 17.46 9.35 2.91
CA LEU A 212 16.35 9.88 2.12
C LEU A 212 16.21 11.40 2.26
N PRO A 213 16.31 12.12 1.14
CA PRO A 213 16.18 13.58 1.16
C PRO A 213 14.77 14.09 0.92
N ASN A 214 13.86 13.18 0.60
CA ASN A 214 12.47 13.54 0.28
C ASN A 214 11.62 14.07 1.43
N GLU A 215 10.77 15.06 1.12
CA GLU A 215 9.83 15.58 2.12
C GLU A 215 8.91 14.38 2.29
N THR A 216 8.65 14.01 3.53
CA THR A 216 7.84 12.82 3.79
C THR A 216 6.76 13.06 4.84
N LEU A 217 5.60 12.44 4.62
CA LEU A 217 4.48 12.52 5.55
C LEU A 217 4.17 11.10 5.99
N ILE A 218 4.39 10.82 7.27
CA ILE A 218 4.16 9.49 7.83
C ILE A 218 2.81 9.51 8.54
N ILE A 219 1.93 8.59 8.19
CA ILE A 219 0.60 8.50 8.77
C ILE A 219 0.39 7.15 9.44
N HIS A 220 -0.27 7.16 10.60
CA HIS A 220 -0.50 5.92 11.33
C HIS A 220 -1.75 6.03 12.20
N GLY A 221 -2.51 4.93 12.28
CA GLY A 221 -3.69 4.91 13.12
C GLY A 221 -3.25 4.43 14.48
N ARG A 222 -3.60 5.16 15.53
CA ARG A 222 -3.18 4.79 16.88
C ARG A 222 -3.47 3.32 17.21
N GLU A 223 -4.67 2.87 16.87
CA GLU A 223 -5.09 1.50 17.16
C GLU A 223 -4.74 0.46 16.10
N ASP A 224 -3.85 0.79 15.18
CA ASP A 224 -3.45 -0.14 14.13
C ASP A 224 -2.99 -1.46 14.75
N GLN A 225 -3.69 -2.54 14.42
CA GLN A 225 -3.39 -3.87 14.95
C GLN A 225 -2.41 -4.66 14.09
N VAL A 226 -2.16 -4.19 12.88
CA VAL A 226 -1.28 -4.88 11.94
C VAL A 226 0.17 -4.41 12.07
N VAL A 227 0.36 -3.11 12.08
CA VAL A 227 1.70 -2.52 12.20
C VAL A 227 1.67 -1.62 13.44
N PRO A 228 2.59 -1.87 14.40
CA PRO A 228 2.65 -1.08 15.62
C PRO A 228 3.04 0.38 15.37
N LEU A 229 2.48 1.29 16.16
CA LEU A 229 2.78 2.71 16.02
C LEU A 229 4.28 2.93 16.14
N SER A 230 4.93 2.11 16.96
CA SER A 230 6.38 2.22 17.17
C SER A 230 7.17 2.18 15.86
N SER A 231 6.67 1.45 14.87
CA SER A 231 7.35 1.37 13.59
C SER A 231 7.33 2.73 12.89
N SER A 232 6.18 3.38 12.88
CA SER A 232 6.08 4.69 12.24
C SER A 232 6.82 5.76 13.03
N LEU A 233 6.86 5.61 14.34
CA LEU A 233 7.59 6.58 15.17
C LEU A 233 9.06 6.47 14.78
N ARG A 234 9.51 5.24 14.51
CA ARG A 234 10.88 5.01 14.12
C ARG A 234 11.18 5.68 12.78
N LEU A 235 10.27 5.53 11.82
CA LEU A 235 10.45 6.16 10.52
C LEU A 235 10.50 7.68 10.69
N GLY A 236 9.70 8.18 11.63
CA GLY A 236 9.65 9.61 11.88
C GLY A 236 10.94 10.16 12.48
N GLU A 237 11.74 9.29 13.08
CA GLU A 237 13.01 9.69 13.68
C GLU A 237 14.15 9.51 12.69
N LEU A 238 13.99 8.58 11.75
CA LEU A 238 15.03 8.30 10.75
C LEU A 238 15.03 9.24 9.55
N ILE A 239 13.84 9.52 9.02
CA ILE A 239 13.72 10.40 7.86
C ILE A 239 13.79 11.86 8.30
N ASP A 240 14.77 12.58 7.78
CA ASP A 240 14.98 13.97 8.15
C ASP A 240 13.81 14.93 7.89
N ARG A 241 13.38 15.04 6.63
CA ARG A 241 12.28 15.96 6.31
C ARG A 241 10.95 15.25 6.47
N ALA A 242 10.68 14.78 7.68
CA ALA A 242 9.45 14.06 7.94
C ALA A 242 8.50 14.71 8.93
N GLN A 243 7.23 14.38 8.76
CA GLN A 243 6.17 14.83 9.65
C GLN A 243 5.47 13.52 9.97
N LEU A 244 4.98 13.38 11.20
CA LEU A 244 4.27 12.18 11.60
C LEU A 244 2.90 12.60 12.06
N HIS A 245 1.87 11.96 11.53
CA HIS A 245 0.51 12.28 11.94
C HIS A 245 -0.15 10.99 12.39
N VAL A 246 -0.52 10.95 13.68
CA VAL A 246 -1.17 9.78 14.26
C VAL A 246 -2.65 10.10 14.48
N PHE A 247 -3.52 9.26 13.92
CA PHE A 247 -4.96 9.43 14.08
C PHE A 247 -5.48 8.54 15.20
N GLY A 248 -6.05 9.15 16.24
CA GLY A 248 -6.61 8.35 17.31
C GLY A 248 -7.92 7.79 16.81
N ARG A 249 -8.41 6.70 17.41
CA ARG A 249 -9.66 6.09 16.97
C ARG A 249 -9.56 5.76 15.48
N CYS A 250 -8.47 5.08 15.12
CA CYS A 250 -8.24 4.73 13.72
C CYS A 250 -7.32 3.51 13.64
N GLY A 251 -7.64 2.60 12.72
CA GLY A 251 -6.85 1.39 12.55
C GLY A 251 -5.82 1.43 11.44
N HIS A 252 -5.71 0.31 10.72
CA HIS A 252 -4.74 0.14 9.64
C HIS A 252 -5.30 0.58 8.29
N TRP A 253 -6.49 1.15 8.32
CA TRP A 253 -7.20 1.56 7.11
C TRP A 253 -7.50 3.07 7.13
N THR A 254 -6.50 3.85 7.51
CA THR A 254 -6.64 5.30 7.63
C THR A 254 -7.36 6.04 6.51
N GLN A 255 -7.03 5.71 5.25
CA GLN A 255 -7.64 6.38 4.11
C GLN A 255 -9.15 6.14 4.03
N ILE A 256 -9.62 5.09 4.69
CA ILE A 256 -11.05 4.77 4.67
C ILE A 256 -11.72 5.14 5.99
N GLU A 257 -10.99 4.97 7.09
CA GLU A 257 -11.52 5.28 8.42
C GLU A 257 -11.57 6.76 8.75
N GLN A 258 -10.61 7.52 8.23
CA GLN A 258 -10.53 8.97 8.46
C GLN A 258 -10.33 9.62 7.09
N THR A 259 -11.17 9.23 6.14
CA THR A 259 -11.10 9.71 4.77
C THR A 259 -10.90 11.22 4.56
N ASP A 260 -11.80 12.04 5.06
CA ASP A 260 -11.67 13.47 4.84
C ASP A 260 -10.40 14.08 5.44
N ARG A 261 -10.06 13.70 6.67
CA ARG A 261 -8.85 14.22 7.31
C ARG A 261 -7.63 13.78 6.53
N PHE A 262 -7.64 12.52 6.10
CA PHE A 262 -6.53 11.95 5.34
C PHE A 262 -6.33 12.66 4.01
N ASN A 263 -7.40 12.76 3.23
CA ASN A 263 -7.29 13.41 1.93
C ASN A 263 -6.84 14.86 2.06
N ARG A 264 -7.37 15.56 3.06
CA ARG A 264 -6.99 16.95 3.30
C ARG A 264 -5.50 17.09 3.57
N LEU A 265 -5.00 16.27 4.49
CA LEU A 265 -3.59 16.30 4.88
C LEU A 265 -2.68 15.99 3.69
N VAL A 266 -3.02 14.96 2.94
CA VAL A 266 -2.23 14.55 1.79
C VAL A 266 -2.21 15.59 0.67
N VAL A 267 -3.38 16.11 0.31
CA VAL A 267 -3.44 17.12 -0.76
C VAL A 267 -2.65 18.37 -0.40
N GLU A 268 -2.80 18.83 0.85
CA GLU A 268 -2.08 20.03 1.27
C GLU A 268 -0.58 19.76 1.32
N PHE A 269 -0.21 18.52 1.67
CA PHE A 269 1.19 18.14 1.73
C PHE A 269 1.79 18.24 0.33
N PHE A 270 1.10 17.71 -0.68
CA PHE A 270 1.60 17.78 -2.04
C PHE A 270 1.52 19.21 -2.58
N ASN A 271 0.50 19.96 -2.14
CA ASN A 271 0.34 21.35 -2.60
C ASN A 271 1.55 22.23 -2.27
N GLU A 272 2.25 21.90 -1.19
CA GLU A 272 3.43 22.66 -0.80
C GLU A 272 4.51 22.66 -1.88
N ALA A 273 4.64 21.51 -2.55
CA ALA A 273 5.65 21.36 -3.60
C ALA A 273 5.40 22.34 -4.75
C BEZ B . 0.42 -4.85 4.96
O1 BEZ B . -0.57 -4.65 5.77
O2 BEZ B . 0.20 -4.94 3.68
C1 BEZ B . 1.82 -4.93 5.49
C2 BEZ B . 2.81 -5.66 4.77
C3 BEZ B . 4.15 -5.75 5.27
C4 BEZ B . 4.49 -5.11 6.50
C5 BEZ B . 3.50 -4.38 7.22
C6 BEZ B . 2.17 -4.28 6.71
C BEZ C . -13.38 -1.22 3.33
O1 BEZ C . -12.63 -1.36 2.29
O2 BEZ C . -14.53 -0.62 3.19
C1 BEZ C . -12.94 -1.72 4.69
C2 BEZ C . -13.61 -1.31 5.87
C3 BEZ C . -13.19 -1.78 7.16
C4 BEZ C . -12.08 -2.67 7.26
C5 BEZ C . -11.40 -3.10 6.09
C6 BEZ C . -11.82 -2.63 4.80
C BEZ D . 11.82 -10.58 -0.74
O1 BEZ D . 12.18 -9.34 -0.84
O2 BEZ D . 12.71 -11.51 -0.86
C1 BEZ D . 10.39 -10.93 -0.48
C2 BEZ D . 9.84 -12.12 -1.02
C3 BEZ D . 8.47 -12.45 -0.77
C4 BEZ D . 7.66 -11.58 0.01
C5 BEZ D . 8.20 -10.38 0.55
C6 BEZ D . 9.57 -10.05 0.30
#